data_2BAI
#
_entry.id   2BAI
#
_cell.length_a   1.000
_cell.length_b   1.000
_cell.length_c   1.000
_cell.angle_alpha   90.00
_cell.angle_beta   90.00
_cell.angle_gamma   90.00
#
_symmetry.space_group_name_H-M   'P 1'
#
loop_
_entity.id
_entity.type
_entity.pdbx_description
1 polymer 'Genome polyprotein'
2 non-polymer 'ZINC ION'
#
_entity_poly.entity_id   1
_entity_poly.type   'polypeptide(L)'
_entity_poly.pdbx_seq_one_letter_code
;MATTMEQEICAHSMTFEECPKCSALQYRNGFY
;
_entity_poly.pdbx_strand_id   A
#
loop_
_chem_comp.id
_chem_comp.type
_chem_comp.name
_chem_comp.formula
ZN non-polymer 'ZINC ION' 'Zn 2'
#
# COMPACT_ATOMS: atom_id res chain seq x y z
N MET A 1 -11.75 -4.77 -15.21
CA MET A 1 -11.15 -3.99 -14.14
C MET A 1 -10.12 -3.01 -14.70
N ALA A 2 -9.12 -3.56 -15.38
CA ALA A 2 -8.07 -2.75 -15.96
C ALA A 2 -7.31 -2.02 -14.84
N THR A 3 -7.23 -2.69 -13.70
CA THR A 3 -6.55 -2.13 -12.55
C THR A 3 -6.83 -0.63 -12.44
N THR A 4 -8.02 -0.31 -11.94
CA THR A 4 -8.43 1.07 -11.78
C THR A 4 -9.63 1.17 -10.84
N MET A 5 -9.46 1.96 -9.80
CA MET A 5 -10.51 2.16 -8.82
C MET A 5 -10.37 3.51 -8.12
N GLU A 6 -9.16 3.80 -7.68
CA GLU A 6 -8.88 5.05 -7.00
C GLU A 6 -9.50 5.04 -5.60
N GLN A 7 -8.71 4.60 -4.63
CA GLN A 7 -9.17 4.54 -3.26
C GLN A 7 -8.17 3.77 -2.40
N GLU A 8 -6.89 4.03 -2.66
CA GLU A 8 -5.83 3.37 -1.92
C GLU A 8 -6.03 1.86 -1.93
N ILE A 9 -5.51 1.24 -2.98
CA ILE A 9 -5.61 -0.20 -3.15
C ILE A 9 -4.26 -0.76 -3.58
N CYS A 10 -3.44 -1.10 -2.58
CA CYS A 10 -2.13 -1.64 -2.85
C CYS A 10 -2.11 -3.10 -2.37
N ALA A 11 -0.94 -3.73 -2.53
CA ALA A 11 -0.79 -5.11 -2.12
C ALA A 11 -0.53 -5.16 -0.62
N HIS A 12 -0.77 -4.04 0.04
CA HIS A 12 -0.57 -3.94 1.47
C HIS A 12 -1.82 -3.34 2.12
N SER A 13 -2.31 -2.27 1.51
CA SER A 13 -3.49 -1.58 2.03
C SER A 13 -3.35 -0.08 1.83
N MET A 14 -2.92 0.29 0.62
CA MET A 14 -2.74 1.70 0.29
C MET A 14 -2.80 1.91 -1.21
N THR A 15 -2.31 3.07 -1.64
CA THR A 15 -2.30 3.42 -3.06
C THR A 15 -0.91 3.22 -3.64
N PHE A 16 -0.87 3.09 -4.97
CA PHE A 16 0.39 2.89 -5.66
C PHE A 16 1.48 3.80 -5.09
N GLU A 17 1.17 5.09 -5.06
CA GLU A 17 2.10 6.07 -4.54
C GLU A 17 2.36 5.83 -3.04
N GLU A 18 1.35 5.26 -2.40
CA GLU A 18 1.45 4.97 -0.98
C GLU A 18 1.96 3.54 -0.75
N CYS A 19 2.30 2.89 -1.86
CA CYS A 19 2.80 1.52 -1.81
C CYS A 19 4.10 1.52 -1.01
N PRO A 20 4.89 2.62 -1.19
CA PRO A 20 6.15 2.76 -0.49
C PRO A 20 5.94 3.10 0.98
N LYS A 21 4.67 3.33 1.33
CA LYS A 21 4.33 3.67 2.69
C LYS A 21 3.83 2.41 3.41
N CYS A 22 3.44 1.42 2.62
CA CYS A 22 2.93 0.18 3.16
C CYS A 22 3.95 -0.33 4.19
N SER A 23 5.21 -0.31 3.79
CA SER A 23 6.29 -0.77 4.66
C SER A 23 6.80 0.40 5.51
N ALA A 24 6.98 1.54 4.86
CA ALA A 24 7.47 2.72 5.54
C ALA A 24 6.32 3.37 6.31
N LEU A 25 5.77 2.60 7.25
CA LEU A 25 4.66 3.08 8.06
C LEU A 25 5.20 3.57 9.40
N GLN A 26 6.52 3.71 9.46
CA GLN A 26 7.17 4.16 10.68
C GLN A 26 6.68 3.36 11.88
N TYR A 27 6.24 2.13 11.59
CA TYR A 27 5.74 1.25 12.63
C TYR A 27 6.24 -0.18 12.43
N ARG A 28 5.66 -1.09 13.20
CA ARG A 28 6.03 -2.49 13.10
C ARG A 28 5.47 -3.12 11.83
N ASN A 29 4.71 -2.31 11.10
CA ASN A 29 4.10 -2.77 9.86
C ASN A 29 5.20 -3.21 8.90
N GLY A 30 6.19 -2.33 8.74
CA GLY A 30 7.31 -2.62 7.85
C GLY A 30 8.47 -1.67 8.11
N PHE A 31 9.59 -1.95 7.44
CA PHE A 31 10.78 -1.13 7.60
C PHE A 31 11.26 -0.59 6.24
N TYR A 32 11.21 -1.47 5.26
CA TYR A 32 11.63 -1.11 3.91
C TYR A 32 10.71 -1.73 2.86
ZN ZN B . 1.93 -0.92 -1.32
N MET A 1 -5.92 4.39 -22.07
CA MET A 1 -4.99 5.33 -21.46
C MET A 1 -5.53 5.85 -20.13
N ALA A 2 -6.80 5.56 -19.89
CA ALA A 2 -7.45 5.98 -18.66
C ALA A 2 -8.09 4.77 -17.98
N THR A 3 -7.30 4.13 -17.13
CA THR A 3 -7.78 2.96 -16.40
C THR A 3 -7.18 2.92 -15.00
N THR A 4 -7.71 3.79 -14.15
CA THR A 4 -7.24 3.87 -12.78
C THR A 4 -8.33 4.46 -11.87
N MET A 5 -8.53 3.81 -10.74
CA MET A 5 -9.53 4.25 -9.79
C MET A 5 -8.90 5.11 -8.69
N GLU A 6 -7.67 4.77 -8.35
CA GLU A 6 -6.94 5.49 -7.32
C GLU A 6 -7.85 5.73 -6.11
N GLN A 7 -8.00 4.67 -5.32
CA GLN A 7 -8.84 4.76 -4.13
C GLN A 7 -8.10 4.17 -2.92
N GLU A 8 -6.82 3.89 -3.14
CA GLU A 8 -5.99 3.32 -2.08
C GLU A 8 -6.14 1.80 -2.04
N ILE A 9 -5.56 1.15 -3.04
CA ILE A 9 -5.63 -0.30 -3.14
C ILE A 9 -4.26 -0.83 -3.55
N CYS A 10 -3.44 -1.13 -2.55
CA CYS A 10 -2.11 -1.65 -2.80
C CYS A 10 -2.06 -3.10 -2.32
N ALA A 11 -0.90 -3.72 -2.50
CA ALA A 11 -0.72 -5.10 -2.09
C ALA A 11 -0.56 -5.16 -0.57
N HIS A 12 -0.78 -4.01 0.06
CA HIS A 12 -0.66 -3.92 1.51
C HIS A 12 -1.95 -3.33 2.09
N SER A 13 -2.43 -2.29 1.43
CA SER A 13 -3.64 -1.62 1.86
C SER A 13 -3.51 -0.10 1.69
N MET A 14 -2.96 0.28 0.54
CA MET A 14 -2.77 1.68 0.24
C MET A 14 -2.82 1.92 -1.28
N THR A 15 -2.28 3.06 -1.68
CA THR A 15 -2.25 3.43 -3.08
C THR A 15 -0.85 3.23 -3.67
N PHE A 16 -0.81 3.07 -4.98
CA PHE A 16 0.45 2.88 -5.67
C PHE A 16 1.55 3.79 -5.10
N GLU A 17 1.22 5.08 -5.04
CA GLU A 17 2.15 6.07 -4.52
C GLU A 17 2.37 5.85 -3.02
N GLU A 18 1.35 5.29 -2.38
CA GLU A 18 1.42 5.03 -0.96
C GLU A 18 1.91 3.60 -0.70
N CYS A 19 2.29 2.94 -1.78
CA CYS A 19 2.78 1.57 -1.68
C CYS A 19 4.08 1.59 -0.88
N PRO A 20 4.85 2.69 -1.05
CA PRO A 20 6.12 2.85 -0.34
C PRO A 20 5.88 3.19 1.13
N LYS A 21 4.61 3.34 1.47
CA LYS A 21 4.24 3.66 2.84
C LYS A 21 3.80 2.39 3.57
N CYS A 22 3.36 1.42 2.79
CA CYS A 22 2.91 0.16 3.34
C CYS A 22 3.98 -0.35 4.30
N SER A 23 5.21 -0.39 3.80
CA SER A 23 6.33 -0.86 4.61
C SER A 23 6.95 0.32 5.37
N ALA A 24 7.08 1.44 4.67
CA ALA A 24 7.66 2.62 5.27
C ALA A 24 6.53 3.61 5.62
N LEU A 25 5.68 3.18 6.53
CA LEU A 25 4.56 3.99 6.95
C LEU A 25 5.06 5.05 7.95
N GLN A 26 6.35 4.99 8.23
CA GLN A 26 6.97 5.92 9.16
C GLN A 26 6.16 5.98 10.46
N TYR A 27 5.49 4.87 10.75
CA TYR A 27 4.67 4.79 11.95
C TYR A 27 5.27 3.78 12.94
N ARG A 28 6.53 3.45 12.71
CA ARG A 28 7.23 2.51 13.58
C ARG A 28 6.37 1.25 13.78
N ASN A 29 5.57 0.95 12.77
CA ASN A 29 4.70 -0.22 12.84
C ASN A 29 5.52 -1.47 12.53
N GLY A 30 6.61 -1.27 11.81
CA GLY A 30 7.49 -2.36 11.45
C GLY A 30 7.73 -2.39 9.93
N PHE A 31 8.84 -3.00 9.56
CA PHE A 31 9.21 -3.11 8.16
C PHE A 31 10.49 -3.92 7.97
N TYR A 32 10.98 -3.92 6.75
CA TYR A 32 12.20 -4.66 6.43
C TYR A 32 13.34 -3.69 6.08
ZN ZN B . 1.90 -0.93 -1.17
N MET A 1 -8.79 -7.98 -5.51
CA MET A 1 -10.10 -8.37 -5.01
C MET A 1 -11.22 -7.68 -5.79
N ALA A 2 -11.06 -7.66 -7.10
CA ALA A 2 -12.05 -7.03 -7.97
C ALA A 2 -12.16 -5.55 -7.61
N THR A 3 -11.74 -4.71 -8.54
CA THR A 3 -11.78 -3.27 -8.34
C THR A 3 -11.93 -2.55 -9.67
N THR A 4 -10.77 -2.28 -10.29
CA THR A 4 -10.76 -1.60 -11.57
C THR A 4 -11.37 -0.21 -11.44
N MET A 5 -11.14 0.41 -10.28
CA MET A 5 -11.65 1.74 -10.02
C MET A 5 -10.51 2.76 -9.92
N GLU A 6 -9.40 2.30 -9.38
CA GLU A 6 -8.23 3.16 -9.23
C GLU A 6 -8.36 4.00 -7.95
N GLN A 7 -7.82 3.45 -6.87
CA GLN A 7 -7.87 4.13 -5.59
C GLN A 7 -6.84 3.51 -4.62
N GLU A 8 -7.01 3.83 -3.35
CA GLU A 8 -6.12 3.31 -2.32
C GLU A 8 -6.25 1.80 -2.22
N ILE A 9 -5.61 1.10 -3.14
CA ILE A 9 -5.65 -0.35 -3.17
C ILE A 9 -4.29 -0.88 -3.58
N CYS A 10 -3.45 -1.13 -2.57
CA CYS A 10 -2.12 -1.64 -2.81
C CYS A 10 -2.06 -3.10 -2.33
N ALA A 11 -0.90 -3.71 -2.51
CA ALA A 11 -0.71 -5.09 -2.09
C ALA A 11 -0.54 -5.14 -0.57
N HIS A 12 -0.77 -3.99 0.05
CA HIS A 12 -0.66 -3.88 1.50
C HIS A 12 -1.95 -3.31 2.08
N SER A 13 -2.42 -2.25 1.44
CA SER A 13 -3.64 -1.59 1.88
C SER A 13 -3.51 -0.08 1.70
N MET A 14 -3.00 0.31 0.54
CA MET A 14 -2.83 1.71 0.23
C MET A 14 -2.86 1.95 -1.28
N THR A 15 -2.32 3.09 -1.68
CA THR A 15 -2.29 3.45 -3.09
C THR A 15 -0.88 3.23 -3.66
N PHE A 16 -0.83 3.09 -4.97
CA PHE A 16 0.44 2.88 -5.64
C PHE A 16 1.53 3.80 -5.08
N GLU A 17 1.19 5.07 -5.00
CA GLU A 17 2.11 6.06 -4.48
C GLU A 17 2.35 5.83 -2.98
N GLU A 18 1.36 5.25 -2.34
CA GLU A 18 1.44 4.97 -0.92
C GLU A 18 1.96 3.56 -0.68
N CYS A 19 2.29 2.89 -1.78
CA CYS A 19 2.80 1.53 -1.71
C CYS A 19 4.11 1.56 -0.91
N PRO A 20 4.88 2.65 -1.10
CA PRO A 20 6.14 2.80 -0.40
C PRO A 20 5.93 3.17 1.06
N LYS A 21 4.66 3.33 1.41
CA LYS A 21 4.31 3.68 2.78
C LYS A 21 3.85 2.42 3.52
N CYS A 22 3.39 1.44 2.74
CA CYS A 22 2.93 0.19 3.31
C CYS A 22 4.00 -0.33 4.27
N SER A 23 5.24 -0.35 3.79
CA SER A 23 6.35 -0.81 4.59
C SER A 23 6.95 0.36 5.38
N ALA A 24 7.09 1.48 4.70
CA ALA A 24 7.64 2.68 5.31
C ALA A 24 6.52 3.47 6.00
N LEU A 25 5.74 2.74 6.79
CA LEU A 25 4.63 3.36 7.50
C LEU A 25 5.12 3.88 8.85
N GLN A 26 6.33 3.46 9.20
CA GLN A 26 6.92 3.88 10.46
C GLN A 26 6.17 3.24 11.64
N TYR A 27 5.35 2.26 11.31
CA TYR A 27 4.58 1.55 12.34
C TYR A 27 5.07 0.11 12.49
N ARG A 28 4.62 -0.51 13.56
CA ARG A 28 4.99 -1.89 13.84
C ARG A 28 4.73 -2.76 12.62
N ASN A 29 3.84 -2.29 11.77
CA ASN A 29 3.49 -3.01 10.55
C ASN A 29 4.78 -3.50 9.87
N GLY A 30 5.60 -2.54 9.49
CA GLY A 30 6.85 -2.85 8.83
C GLY A 30 7.95 -3.18 9.84
N PHE A 31 8.87 -4.02 9.41
CA PHE A 31 9.97 -4.42 10.29
C PHE A 31 11.13 -3.43 10.18
N TYR A 32 11.36 -2.96 8.96
CA TYR A 32 12.44 -2.01 8.71
C TYR A 32 12.56 -1.01 9.86
ZN ZN B . 1.89 -0.91 -1.20
N MET A 1 -11.22 -9.67 -14.75
CA MET A 1 -10.89 -8.25 -14.68
C MET A 1 -12.14 -7.42 -14.36
N ALA A 2 -11.90 -6.17 -13.99
CA ALA A 2 -12.98 -5.28 -13.65
C ALA A 2 -12.42 -3.87 -13.43
N THR A 3 -13.32 -2.94 -13.12
CA THR A 3 -12.93 -1.56 -12.89
C THR A 3 -13.01 -1.23 -11.40
N THR A 4 -11.90 -1.51 -10.71
CA THR A 4 -11.83 -1.26 -9.28
C THR A 4 -12.04 0.23 -9.00
N MET A 5 -11.76 0.61 -7.75
CA MET A 5 -11.92 1.99 -7.34
C MET A 5 -10.55 2.68 -7.21
N GLU A 6 -10.60 3.99 -7.05
CA GLU A 6 -9.39 4.78 -6.91
C GLU A 6 -9.40 5.54 -5.59
N GLN A 7 -8.49 5.16 -4.71
CA GLN A 7 -8.39 5.79 -3.41
C GLN A 7 -7.14 5.30 -2.67
N GLU A 8 -7.03 3.98 -2.59
CA GLU A 8 -5.89 3.36 -1.91
C GLU A 8 -6.03 1.84 -1.93
N ILE A 9 -5.58 1.25 -3.03
CA ILE A 9 -5.63 -0.19 -3.19
C ILE A 9 -4.26 -0.72 -3.60
N CYS A 10 -3.46 -1.04 -2.58
CA CYS A 10 -2.12 -1.56 -2.82
C CYS A 10 -2.09 -3.02 -2.37
N ALA A 11 -0.91 -3.62 -2.53
CA ALA A 11 -0.73 -5.00 -2.14
C ALA A 11 -0.56 -5.09 -0.62
N HIS A 12 -0.84 -3.98 0.04
CA HIS A 12 -0.72 -3.91 1.48
C HIS A 12 -2.01 -3.35 2.08
N SER A 13 -2.48 -2.28 1.48
CA SER A 13 -3.71 -1.63 1.94
C SER A 13 -3.60 -0.12 1.75
N MET A 14 -3.06 0.28 0.60
CA MET A 14 -2.90 1.69 0.30
C MET A 14 -2.94 1.92 -1.22
N THR A 15 -2.40 3.06 -1.62
CA THR A 15 -2.37 3.42 -3.02
C THR A 15 -0.96 3.19 -3.60
N PHE A 16 -0.92 3.05 -4.91
CA PHE A 16 0.34 2.82 -5.60
C PHE A 16 1.45 3.70 -5.01
N GLU A 17 1.23 5.01 -5.11
CA GLU A 17 2.19 5.98 -4.59
C GLU A 17 2.40 5.75 -3.10
N GLU A 18 1.40 5.17 -2.46
CA GLU A 18 1.47 4.89 -1.03
C GLU A 18 2.01 3.49 -0.79
N CYS A 19 2.35 2.81 -1.87
CA CYS A 19 2.88 1.46 -1.79
C CYS A 19 4.18 1.51 -0.98
N PRO A 20 4.92 2.64 -1.15
CA PRO A 20 6.18 2.81 -0.44
C PRO A 20 5.94 3.15 1.03
N LYS A 21 4.66 3.30 1.37
CA LYS A 21 4.28 3.61 2.74
C LYS A 21 3.95 2.33 3.48
N CYS A 22 3.45 1.36 2.73
CA CYS A 22 3.07 0.08 3.31
C CYS A 22 4.28 -0.46 4.09
N SER A 23 5.46 -0.11 3.60
CA SER A 23 6.70 -0.55 4.23
C SER A 23 7.10 0.43 5.33
N ALA A 24 7.01 1.71 4.99
CA ALA A 24 7.37 2.75 5.93
C ALA A 24 6.09 3.39 6.49
N LEU A 25 5.34 2.57 7.24
CA LEU A 25 4.10 3.04 7.83
C LEU A 25 4.42 4.00 8.98
N GLN A 26 5.65 3.92 9.45
CA GLN A 26 6.09 4.77 10.54
C GLN A 26 5.32 4.44 11.82
N TYR A 27 4.61 3.32 11.77
CA TYR A 27 3.82 2.89 12.91
C TYR A 27 4.26 1.49 13.37
N ARG A 28 3.67 1.05 14.48
CA ARG A 28 3.98 -0.25 15.03
C ARG A 28 3.51 -1.35 14.09
N ASN A 29 2.73 -0.95 13.09
CA ASN A 29 2.20 -1.88 12.11
C ASN A 29 3.35 -2.74 11.56
N GLY A 30 4.43 -2.06 11.21
CA GLY A 30 5.60 -2.74 10.66
C GLY A 30 6.45 -3.32 11.79
N PHE A 31 7.76 -3.33 11.54
CA PHE A 31 8.70 -3.86 12.51
C PHE A 31 8.37 -5.32 12.86
N TYR A 32 7.47 -5.47 13.83
CA TYR A 32 7.06 -6.78 14.26
C TYR A 32 5.75 -7.21 13.58
ZN ZN B . 1.88 -0.86 -1.18
N MET A 1 -9.13 0.26 -19.26
CA MET A 1 -8.81 -1.08 -19.70
C MET A 1 -7.31 -1.35 -19.60
N ALA A 2 -6.54 -0.34 -19.99
CA ALA A 2 -5.09 -0.46 -19.94
C ALA A 2 -4.67 -1.14 -18.65
N THR A 3 -5.15 -0.59 -17.53
CA THR A 3 -4.83 -1.14 -16.23
C THR A 3 -6.08 -1.17 -15.35
N THR A 4 -5.88 -1.58 -14.11
CA THR A 4 -6.97 -1.67 -13.16
C THR A 4 -7.32 -0.27 -12.62
N MET A 5 -8.33 -0.24 -11.77
CA MET A 5 -8.78 1.02 -11.18
C MET A 5 -7.58 1.93 -10.87
N GLU A 6 -6.67 1.40 -10.07
CA GLU A 6 -5.49 2.15 -9.69
C GLU A 6 -5.88 3.47 -9.01
N GLN A 7 -6.29 3.34 -7.75
CA GLN A 7 -6.69 4.51 -6.98
C GLN A 7 -6.03 4.50 -5.61
N GLU A 8 -6.63 3.74 -4.70
CA GLU A 8 -6.10 3.64 -3.35
C GLU A 8 -6.17 2.19 -2.86
N ILE A 9 -5.49 1.33 -3.59
CA ILE A 9 -5.46 -0.09 -3.25
C ILE A 9 -4.11 -0.68 -3.65
N CYS A 10 -3.30 -0.97 -2.64
CA CYS A 10 -1.98 -1.53 -2.85
C CYS A 10 -2.00 -3.00 -2.39
N ALA A 11 -0.86 -3.65 -2.55
CA ALA A 11 -0.73 -5.03 -2.15
C ALA A 11 -0.60 -5.12 -0.63
N HIS A 12 -0.74 -3.97 0.01
CA HIS A 12 -0.64 -3.90 1.46
C HIS A 12 -1.97 -3.42 2.04
N SER A 13 -2.46 -2.32 1.49
CA SER A 13 -3.72 -1.74 1.94
C SER A 13 -3.67 -0.23 1.81
N MET A 14 -3.16 0.22 0.67
CA MET A 14 -3.06 1.64 0.39
C MET A 14 -3.09 1.91 -1.12
N THR A 15 -2.46 3.01 -1.50
CA THR A 15 -2.41 3.39 -2.91
C THR A 15 -1.01 3.16 -3.48
N PHE A 16 -0.97 3.02 -4.80
CA PHE A 16 0.30 2.80 -5.48
C PHE A 16 1.40 3.69 -4.90
N GLU A 17 1.15 4.99 -4.96
CA GLU A 17 2.11 5.96 -4.46
C GLU A 17 2.37 5.72 -2.97
N GLU A 18 1.40 5.10 -2.32
CA GLU A 18 1.50 4.80 -0.90
C GLU A 18 2.10 3.40 -0.69
N CYS A 19 2.40 2.75 -1.80
CA CYS A 19 2.97 1.42 -1.76
C CYS A 19 4.26 1.48 -0.94
N PRO A 20 5.03 2.58 -1.16
CA PRO A 20 6.27 2.77 -0.45
C PRO A 20 6.03 3.18 1.01
N LYS A 21 4.76 3.39 1.33
CA LYS A 21 4.38 3.78 2.66
C LYS A 21 3.87 2.56 3.43
N CYS A 22 3.38 1.59 2.67
CA CYS A 22 2.86 0.37 3.27
C CYS A 22 3.92 -0.18 4.24
N SER A 23 5.15 -0.22 3.75
CA SER A 23 6.25 -0.72 4.55
C SER A 23 6.88 0.43 5.35
N ALA A 24 7.06 1.55 4.67
CA ALA A 24 7.64 2.73 5.29
C ALA A 24 6.57 3.46 6.09
N LEU A 25 5.92 2.72 6.98
CA LEU A 25 4.88 3.28 7.81
C LEU A 25 5.50 4.02 9.00
N GLN A 26 6.82 3.91 9.08
CA GLN A 26 7.56 4.57 10.15
C GLN A 26 7.02 4.11 11.51
N TYR A 27 6.35 2.96 11.50
CA TYR A 27 5.78 2.42 12.71
C TYR A 27 6.58 1.20 13.19
N ARG A 28 6.12 0.61 14.29
CA ARG A 28 6.78 -0.56 14.85
C ARG A 28 6.53 -1.79 13.97
N ASN A 29 5.67 -1.59 12.97
CA ASN A 29 5.35 -2.68 12.06
C ASN A 29 6.62 -3.42 11.68
N GLY A 30 7.54 -2.67 11.08
CA GLY A 30 8.81 -3.24 10.65
C GLY A 30 8.59 -4.46 9.76
N PHE A 31 9.67 -5.19 9.53
CA PHE A 31 9.61 -6.38 8.70
C PHE A 31 10.91 -7.19 8.80
N TYR A 32 10.93 -8.09 9.76
CA TYR A 32 12.10 -8.93 9.98
C TYR A 32 11.70 -10.40 10.10
ZN ZN B . 2.05 -0.87 -1.23
N MET A 1 -11.48 -4.69 -4.05
CA MET A 1 -10.16 -4.82 -3.45
C MET A 1 -9.07 -4.89 -4.51
N ALA A 2 -9.42 -4.43 -5.71
CA ALA A 2 -8.49 -4.42 -6.82
C ALA A 2 -8.82 -3.26 -7.76
N THR A 3 -9.93 -3.42 -8.47
CA THR A 3 -10.38 -2.41 -9.40
C THR A 3 -9.19 -1.84 -10.18
N THR A 4 -9.38 -0.65 -10.72
CA THR A 4 -8.33 0.01 -11.49
C THR A 4 -8.43 1.52 -11.31
N MET A 5 -8.64 1.94 -10.08
CA MET A 5 -8.75 3.35 -9.77
C MET A 5 -7.59 3.82 -8.90
N GLU A 6 -7.58 5.11 -8.60
CA GLU A 6 -6.53 5.69 -7.78
C GLU A 6 -7.12 6.25 -6.49
N GLN A 7 -7.31 5.35 -5.53
CA GLN A 7 -7.86 5.74 -4.23
C GLN A 7 -6.96 5.23 -3.11
N GLU A 8 -6.64 3.95 -3.17
CA GLU A 8 -5.80 3.32 -2.17
C GLU A 8 -6.01 1.81 -2.16
N ILE A 9 -5.45 1.16 -3.17
CA ILE A 9 -5.57 -0.28 -3.30
C ILE A 9 -4.20 -0.86 -3.67
N CYS A 10 -3.43 -1.18 -2.64
CA CYS A 10 -2.10 -1.73 -2.84
C CYS A 10 -2.11 -3.17 -2.31
N ALA A 11 -0.95 -3.82 -2.43
CA ALA A 11 -0.81 -5.19 -1.97
C ALA A 11 -0.62 -5.20 -0.45
N HIS A 12 -0.87 -4.04 0.15
CA HIS A 12 -0.72 -3.90 1.59
C HIS A 12 -1.99 -3.25 2.17
N SER A 13 -2.42 -2.18 1.52
CA SER A 13 -3.60 -1.47 1.95
C SER A 13 -3.42 0.03 1.71
N MET A 14 -2.99 0.36 0.50
CA MET A 14 -2.77 1.75 0.13
C MET A 14 -2.78 1.92 -1.39
N THR A 15 -2.30 3.08 -1.83
CA THR A 15 -2.26 3.37 -3.24
C THR A 15 -0.83 3.20 -3.78
N PHE A 16 -0.74 3.03 -5.10
CA PHE A 16 0.54 2.86 -5.75
C PHE A 16 1.58 3.82 -5.16
N GLU A 17 1.18 5.08 -5.06
CA GLU A 17 2.05 6.11 -4.52
C GLU A 17 2.26 5.90 -3.02
N GLU A 18 1.23 5.34 -2.38
CA GLU A 18 1.29 5.10 -0.96
C GLU A 18 1.77 3.67 -0.69
N CYS A 19 2.20 3.02 -1.75
CA CYS A 19 2.69 1.65 -1.64
C CYS A 19 4.00 1.67 -0.85
N PRO A 20 4.75 2.80 -1.01
CA PRO A 20 6.02 2.95 -0.32
C PRO A 20 5.80 3.25 1.16
N LYS A 21 4.53 3.31 1.55
CA LYS A 21 4.18 3.59 2.92
C LYS A 21 3.83 2.28 3.64
N CYS A 22 3.39 1.32 2.85
CA CYS A 22 3.03 0.02 3.38
C CYS A 22 4.17 -0.47 4.28
N SER A 23 5.37 -0.41 3.72
CA SER A 23 6.55 -0.84 4.46
C SER A 23 7.13 0.33 5.26
N ALA A 24 7.18 1.48 4.61
CA ALA A 24 7.70 2.68 5.24
C ALA A 24 6.67 3.23 6.23
N LEU A 25 6.46 2.47 7.29
CA LEU A 25 5.50 2.87 8.31
C LEU A 25 6.10 2.61 9.70
N GLN A 26 7.40 2.39 9.71
CA GLN A 26 8.11 2.14 10.96
C GLN A 26 7.28 1.21 11.86
N TYR A 27 6.50 0.36 11.21
CA TYR A 27 5.66 -0.58 11.93
C TYR A 27 6.10 -2.02 11.70
N ARG A 28 5.49 -2.93 12.44
CA ARG A 28 5.82 -4.34 12.32
C ARG A 28 5.25 -4.90 11.02
N ASN A 29 4.49 -4.07 10.33
CA ASN A 29 3.88 -4.48 9.07
C ASN A 29 4.93 -5.22 8.22
N GLY A 30 5.86 -4.45 7.68
CA GLY A 30 6.90 -5.01 6.85
C GLY A 30 6.31 -5.84 5.71
N PHE A 31 7.19 -6.21 4.78
CA PHE A 31 6.77 -6.99 3.63
C PHE A 31 7.05 -8.48 3.85
N TYR A 32 6.00 -9.28 3.69
CA TYR A 32 6.12 -10.71 3.86
C TYR A 32 6.87 -11.05 5.15
ZN ZN B . 1.88 -1.10 -1.13
N MET A 1 -16.48 -9.67 -11.79
CA MET A 1 -16.34 -10.72 -10.78
C MET A 1 -15.17 -10.42 -9.85
N ALA A 2 -14.18 -9.72 -10.39
CA ALA A 2 -13.00 -9.37 -9.61
C ALA A 2 -12.15 -8.38 -10.40
N THR A 3 -12.73 -7.20 -10.63
CA THR A 3 -12.04 -6.16 -11.37
C THR A 3 -11.29 -5.24 -10.41
N THR A 4 -10.11 -4.81 -10.85
CA THR A 4 -9.29 -3.93 -10.05
C THR A 4 -9.96 -2.56 -9.90
N MET A 5 -9.60 -1.88 -8.83
CA MET A 5 -10.16 -0.56 -8.56
C MET A 5 -9.09 0.53 -8.71
N GLU A 6 -9.56 1.76 -8.85
CA GLU A 6 -8.68 2.89 -9.01
C GLU A 6 -8.73 3.79 -7.77
N GLN A 7 -7.99 3.38 -6.74
CA GLN A 7 -7.94 4.12 -5.49
C GLN A 7 -6.92 3.51 -4.54
N GLU A 8 -7.08 3.81 -3.26
CA GLU A 8 -6.18 3.30 -2.25
C GLU A 8 -6.31 1.77 -2.15
N ILE A 9 -5.67 1.10 -3.09
CA ILE A 9 -5.70 -0.36 -3.11
C ILE A 9 -4.33 -0.88 -3.55
N CYS A 10 -3.49 -1.13 -2.55
CA CYS A 10 -2.16 -1.64 -2.82
C CYS A 10 -2.08 -3.08 -2.33
N ALA A 11 -0.92 -3.69 -2.53
CA ALA A 11 -0.71 -5.06 -2.12
C ALA A 11 -0.54 -5.11 -0.61
N HIS A 12 -0.76 -3.97 0.02
CA HIS A 12 -0.63 -3.88 1.47
C HIS A 12 -1.92 -3.31 2.06
N SER A 13 -2.41 -2.25 1.44
CA SER A 13 -3.63 -1.60 1.89
C SER A 13 -3.51 -0.08 1.71
N MET A 14 -3.01 0.30 0.55
CA MET A 14 -2.85 1.71 0.24
C MET A 14 -2.89 1.96 -1.27
N THR A 15 -2.34 3.09 -1.68
CA THR A 15 -2.31 3.45 -3.08
C THR A 15 -0.91 3.22 -3.67
N PHE A 16 -0.87 3.06 -4.97
CA PHE A 16 0.39 2.83 -5.66
C PHE A 16 1.48 3.77 -5.12
N GLU A 17 1.14 5.04 -5.04
CA GLU A 17 2.06 6.04 -4.56
C GLU A 17 2.35 5.82 -3.07
N GLU A 18 1.36 5.25 -2.39
CA GLU A 18 1.49 4.98 -0.96
C GLU A 18 2.00 3.56 -0.74
N CYS A 19 2.30 2.89 -1.85
CA CYS A 19 2.80 1.53 -1.78
C CYS A 19 4.11 1.53 -1.00
N PRO A 20 4.90 2.62 -1.20
CA PRO A 20 6.17 2.76 -0.52
C PRO A 20 5.98 3.12 0.94
N LYS A 21 4.71 3.34 1.31
CA LYS A 21 4.38 3.69 2.68
C LYS A 21 3.91 2.45 3.43
N CYS A 22 3.43 1.47 2.66
CA CYS A 22 2.96 0.23 3.23
C CYS A 22 4.02 -0.29 4.20
N SER A 23 5.27 -0.21 3.76
CA SER A 23 6.38 -0.66 4.57
C SER A 23 6.89 0.48 5.46
N ALA A 24 6.98 1.66 4.87
CA ALA A 24 7.45 2.83 5.59
C ALA A 24 6.88 2.80 7.00
N LEU A 25 5.56 2.95 7.09
CA LEU A 25 4.89 2.94 8.38
C LEU A 25 4.72 1.50 8.86
N GLN A 26 4.89 0.58 7.92
CA GLN A 26 4.76 -0.84 8.23
C GLN A 26 3.43 -1.11 8.93
N TYR A 27 2.50 -0.18 8.73
CA TYR A 27 1.18 -0.31 9.34
C TYR A 27 0.08 0.03 8.33
N ARG A 28 -1.12 -0.43 8.63
CA ARG A 28 -2.26 -0.18 7.76
C ARG A 28 -2.54 1.32 7.68
N ASN A 29 -1.91 2.06 8.57
CA ASN A 29 -2.08 3.50 8.61
C ASN A 29 -1.89 4.07 7.21
N GLY A 30 -0.63 4.31 6.87
CA GLY A 30 -0.29 4.85 5.57
C GLY A 30 0.11 6.32 5.67
N PHE A 31 -0.46 6.99 6.66
CA PHE A 31 -0.18 8.40 6.88
C PHE A 31 -0.66 8.85 8.27
N TYR A 32 0.26 9.46 9.02
CA TYR A 32 -0.06 9.94 10.35
C TYR A 32 -0.56 11.39 10.30
ZN ZN B . 1.87 -0.88 -1.25
N MET A 1 -19.33 1.35 3.27
CA MET A 1 -18.68 1.44 4.56
C MET A 1 -17.19 1.12 4.43
N ALA A 2 -16.37 1.98 5.03
CA ALA A 2 -14.93 1.79 5.00
C ALA A 2 -14.40 2.21 3.62
N THR A 3 -13.21 1.74 3.32
CA THR A 3 -12.58 2.05 2.04
C THR A 3 -13.61 2.00 0.92
N THR A 4 -13.63 3.07 0.13
CA THR A 4 -14.56 3.15 -0.98
C THR A 4 -13.83 3.58 -2.25
N MET A 5 -14.52 3.43 -3.38
CA MET A 5 -13.95 3.80 -4.67
C MET A 5 -12.67 3.01 -4.94
N GLU A 6 -12.16 3.18 -6.15
CA GLU A 6 -10.95 2.49 -6.56
C GLU A 6 -9.83 3.50 -6.82
N GLN A 7 -8.83 3.48 -5.96
CA GLN A 7 -7.70 4.37 -6.09
C GLN A 7 -6.65 4.08 -5.01
N GLU A 8 -7.15 3.75 -3.83
CA GLU A 8 -6.28 3.44 -2.71
C GLU A 8 -6.31 1.94 -2.40
N ILE A 9 -5.66 1.18 -3.27
CA ILE A 9 -5.62 -0.27 -3.10
C ILE A 9 -4.26 -0.78 -3.54
N CYS A 10 -3.41 -1.05 -2.55
CA CYS A 10 -2.08 -1.55 -2.83
C CYS A 10 -2.00 -3.01 -2.36
N ALA A 11 -0.84 -3.61 -2.57
CA ALA A 11 -0.64 -4.99 -2.19
C ALA A 11 -0.48 -5.07 -0.67
N HIS A 12 -0.72 -3.94 -0.01
CA HIS A 12 -0.61 -3.87 1.43
C HIS A 12 -1.93 -3.36 2.01
N SER A 13 -2.43 -2.29 1.41
CA SER A 13 -3.67 -1.69 1.86
C SER A 13 -3.60 -0.17 1.71
N MET A 14 -3.07 0.26 0.58
CA MET A 14 -2.93 1.68 0.30
C MET A 14 -2.98 1.96 -1.20
N THR A 15 -2.38 3.08 -1.59
CA THR A 15 -2.34 3.46 -2.99
C THR A 15 -0.94 3.21 -3.57
N PHE A 16 -0.92 3.07 -4.89
CA PHE A 16 0.34 2.82 -5.58
C PHE A 16 1.45 3.72 -5.04
N GLU A 17 1.13 5.00 -4.94
CA GLU A 17 2.09 5.98 -4.44
C GLU A 17 2.37 5.74 -2.96
N GLU A 18 1.39 5.15 -2.29
CA GLU A 18 1.52 4.86 -0.88
C GLU A 18 2.09 3.45 -0.67
N CYS A 19 2.36 2.79 -1.79
CA CYS A 19 2.91 1.44 -1.74
C CYS A 19 4.21 1.47 -0.94
N PRO A 20 4.99 2.57 -1.14
CA PRO A 20 6.25 2.73 -0.44
C PRO A 20 6.01 3.13 1.03
N LYS A 21 4.74 3.35 1.35
CA LYS A 21 4.38 3.72 2.70
C LYS A 21 3.87 2.50 3.45
N CYS A 22 3.40 1.52 2.68
CA CYS A 22 2.89 0.30 3.26
C CYS A 22 3.90 -0.22 4.28
N SER A 23 5.15 -0.30 3.84
CA SER A 23 6.22 -0.77 4.69
C SER A 23 6.83 0.40 5.46
N ALA A 24 7.05 1.50 4.75
CA ALA A 24 7.62 2.68 5.35
C ALA A 24 6.50 3.60 5.83
N LEU A 25 5.65 3.04 6.67
CA LEU A 25 4.54 3.80 7.21
C LEU A 25 5.01 4.64 8.40
N GLN A 26 6.31 4.56 8.65
CA GLN A 26 6.91 5.30 9.74
C GLN A 26 5.97 5.33 10.95
N TYR A 27 5.19 4.26 11.07
CA TYR A 27 4.25 4.13 12.16
C TYR A 27 4.65 3.00 13.11
N ARG A 28 5.89 2.55 12.95
CA ARG A 28 6.41 1.48 13.78
C ARG A 28 5.60 0.19 13.56
N ASN A 29 4.79 0.21 12.51
CA ASN A 29 3.97 -0.94 12.17
C ASN A 29 4.81 -1.95 11.40
N GLY A 30 5.62 -1.43 10.48
CA GLY A 30 6.48 -2.27 9.66
C GLY A 30 5.65 -3.28 8.86
N PHE A 31 5.63 -4.50 9.37
CA PHE A 31 4.89 -5.57 8.71
C PHE A 31 3.68 -5.99 9.54
N TYR A 32 2.92 -4.98 9.98
CA TYR A 32 1.74 -5.23 10.78
C TYR A 32 2.01 -6.29 11.85
ZN ZN B . 1.94 -0.88 -1.24
N MET A 1 -6.07 -6.07 -17.02
CA MET A 1 -7.41 -6.60 -17.15
C MET A 1 -7.98 -6.97 -15.77
N ALA A 2 -8.33 -5.94 -15.02
CA ALA A 2 -8.89 -6.15 -13.69
C ALA A 2 -9.76 -4.95 -13.31
N THR A 3 -10.34 -5.03 -12.12
CA THR A 3 -11.20 -3.96 -11.63
C THR A 3 -10.40 -3.00 -10.76
N THR A 4 -10.23 -1.78 -11.27
CA THR A 4 -9.49 -0.77 -10.55
C THR A 4 -10.45 0.21 -9.86
N MET A 5 -10.31 0.32 -8.55
CA MET A 5 -11.15 1.21 -7.77
C MET A 5 -10.61 2.63 -7.78
N GLU A 6 -9.29 2.74 -7.62
CA GLU A 6 -8.64 4.04 -7.62
C GLU A 6 -9.02 4.81 -6.36
N GLN A 7 -8.44 4.40 -5.24
CA GLN A 7 -8.71 5.05 -3.97
C GLN A 7 -7.92 4.37 -2.86
N GLU A 8 -6.69 3.99 -3.18
CA GLU A 8 -5.83 3.35 -2.21
C GLU A 8 -6.07 1.82 -2.23
N ILE A 9 -5.40 1.16 -3.16
CA ILE A 9 -5.54 -0.28 -3.29
C ILE A 9 -4.18 -0.88 -3.66
N CYS A 10 -3.40 -1.19 -2.62
CA CYS A 10 -2.09 -1.76 -2.83
C CYS A 10 -2.11 -3.20 -2.27
N ALA A 11 -0.96 -3.86 -2.40
CA ALA A 11 -0.83 -5.22 -1.93
C ALA A 11 -0.67 -5.22 -0.40
N HIS A 12 -0.88 -4.05 0.17
CA HIS A 12 -0.76 -3.90 1.61
C HIS A 12 -2.03 -3.23 2.17
N SER A 13 -2.45 -2.17 1.49
CA SER A 13 -3.64 -1.44 1.89
C SER A 13 -3.45 0.06 1.65
N MET A 14 -2.94 0.36 0.46
CA MET A 14 -2.71 1.75 0.09
C MET A 14 -2.73 1.91 -1.44
N THR A 15 -2.27 3.08 -1.88
CA THR A 15 -2.22 3.37 -3.30
C THR A 15 -0.81 3.23 -3.84
N PHE A 16 -0.71 3.04 -5.14
CA PHE A 16 0.58 2.88 -5.79
C PHE A 16 1.60 3.88 -5.23
N GLU A 17 1.11 5.09 -4.99
CA GLU A 17 1.97 6.14 -4.45
C GLU A 17 2.21 5.93 -2.95
N GLU A 18 1.19 5.37 -2.30
CA GLU A 18 1.27 5.10 -0.88
C GLU A 18 1.76 3.67 -0.64
N CYS A 19 2.17 3.02 -1.71
CA CYS A 19 2.66 1.65 -1.63
C CYS A 19 3.97 1.67 -0.85
N PRO A 20 4.73 2.78 -1.00
CA PRO A 20 6.01 2.93 -0.33
C PRO A 20 5.81 3.25 1.16
N LYS A 21 4.54 3.30 1.55
CA LYS A 21 4.20 3.58 2.94
C LYS A 21 3.86 2.27 3.65
N CYS A 22 3.40 1.31 2.87
CA CYS A 22 3.03 0.01 3.41
C CYS A 22 4.17 -0.48 4.29
N SER A 23 5.38 -0.42 3.74
CA SER A 23 6.56 -0.85 4.46
C SER A 23 7.15 0.32 5.25
N ALA A 24 7.21 1.46 4.59
CA ALA A 24 7.74 2.66 5.23
C ALA A 24 6.64 3.35 6.02
N LEU A 25 5.97 2.56 6.85
CA LEU A 25 4.89 3.08 7.68
C LEU A 25 5.46 3.54 9.01
N GLN A 26 6.75 3.32 9.18
CA GLN A 26 7.43 3.71 10.41
C GLN A 26 6.64 3.21 11.62
N TYR A 27 5.94 2.11 11.41
CA TYR A 27 5.14 1.53 12.48
C TYR A 27 5.55 0.07 12.74
N ARG A 28 6.83 -0.20 12.49
CA ARG A 28 7.34 -1.54 12.68
C ARG A 28 6.43 -2.58 12.03
N ASN A 29 5.69 -2.11 11.03
CA ASN A 29 4.77 -2.98 10.31
C ASN A 29 5.55 -3.80 9.29
N GLY A 30 6.19 -3.10 8.36
CA GLY A 30 6.96 -3.75 7.32
C GLY A 30 6.17 -4.87 6.66
N PHE A 31 6.79 -6.04 6.58
CA PHE A 31 6.15 -7.20 5.99
C PHE A 31 5.83 -8.26 7.04
N TYR A 32 5.08 -9.26 6.61
CA TYR A 32 4.70 -10.35 7.50
C TYR A 32 5.67 -11.52 7.39
ZN ZN B . 1.90 -1.11 -1.12
N MET A 1 -5.54 -8.29 -9.62
CA MET A 1 -6.89 -7.77 -9.51
C MET A 1 -7.07 -6.49 -10.32
N ALA A 2 -8.32 -6.15 -10.58
CA ALA A 2 -8.64 -4.96 -11.34
C ALA A 2 -9.26 -3.92 -10.41
N THR A 3 -8.41 -3.06 -9.87
CA THR A 3 -8.88 -2.02 -8.96
C THR A 3 -8.06 -0.74 -9.17
N THR A 4 -8.53 0.09 -10.08
CA THR A 4 -7.87 1.34 -10.38
C THR A 4 -8.54 2.50 -9.64
N MET A 5 -8.64 3.62 -10.33
CA MET A 5 -9.26 4.81 -9.76
C MET A 5 -8.29 5.55 -8.85
N GLU A 6 -7.13 4.93 -8.65
CA GLU A 6 -6.11 5.53 -7.80
C GLU A 6 -6.74 6.17 -6.57
N GLN A 7 -7.03 5.34 -5.58
CA GLN A 7 -7.63 5.81 -4.35
C GLN A 7 -6.87 5.28 -3.14
N GLU A 8 -6.55 3.99 -3.20
CA GLU A 8 -5.83 3.35 -2.12
C GLU A 8 -6.08 1.83 -2.14
N ILE A 9 -5.41 1.16 -3.06
CA ILE A 9 -5.55 -0.27 -3.20
C ILE A 9 -4.20 -0.88 -3.59
N CYS A 10 -3.41 -1.20 -2.58
CA CYS A 10 -2.10 -1.79 -2.80
C CYS A 10 -2.12 -3.22 -2.25
N ALA A 11 -0.97 -3.88 -2.40
CA ALA A 11 -0.85 -5.24 -1.92
C ALA A 11 -0.68 -5.25 -0.40
N HIS A 12 -0.88 -4.08 0.18
CA HIS A 12 -0.76 -3.93 1.62
C HIS A 12 -2.00 -3.24 2.18
N SER A 13 -2.41 -2.19 1.50
CA SER A 13 -3.58 -1.43 1.91
C SER A 13 -3.36 0.07 1.66
N MET A 14 -2.83 0.36 0.49
CA MET A 14 -2.56 1.74 0.11
C MET A 14 -2.64 1.91 -1.41
N THR A 15 -2.18 3.07 -1.86
CA THR A 15 -2.18 3.37 -3.28
C THR A 15 -0.77 3.24 -3.87
N PHE A 16 -0.73 3.06 -5.18
CA PHE A 16 0.55 2.92 -5.86
C PHE A 16 1.59 3.89 -5.31
N GLU A 17 1.14 5.12 -5.07
CA GLU A 17 2.02 6.14 -4.54
C GLU A 17 2.23 5.94 -3.04
N GLU A 18 1.19 5.41 -2.39
CA GLU A 18 1.25 5.16 -0.97
C GLU A 18 1.71 3.73 -0.70
N CYS A 19 2.15 3.06 -1.76
CA CYS A 19 2.62 1.69 -1.65
C CYS A 19 3.93 1.69 -0.87
N PRO A 20 4.68 2.81 -1.02
CA PRO A 20 5.97 2.96 -0.33
C PRO A 20 5.75 3.25 1.15
N LYS A 21 4.49 3.29 1.55
CA LYS A 21 4.15 3.55 2.93
C LYS A 21 3.81 2.24 3.64
N CYS A 22 3.38 1.28 2.84
CA CYS A 22 3.03 -0.03 3.37
C CYS A 22 4.17 -0.51 4.27
N SER A 23 5.38 -0.43 3.72
CA SER A 23 6.56 -0.85 4.44
C SER A 23 7.12 0.32 5.26
N ALA A 24 7.13 1.49 4.63
CA ALA A 24 7.63 2.69 5.28
C ALA A 24 6.63 3.14 6.34
N LEU A 25 6.52 2.34 7.39
CA LEU A 25 5.62 2.64 8.48
C LEU A 25 6.14 2.01 9.77
N GLN A 26 7.07 2.69 10.39
CA GLN A 26 7.66 2.21 11.63
C GLN A 26 6.59 1.52 12.50
N TYR A 27 5.37 2.00 12.35
CA TYR A 27 4.26 1.44 13.10
C TYR A 27 4.37 -0.07 13.20
N ARG A 28 3.65 -0.63 14.17
CA ARG A 28 3.66 -2.06 14.38
C ARG A 28 3.32 -2.79 13.09
N ASN A 29 2.71 -2.05 12.17
CA ASN A 29 2.33 -2.61 10.89
C ASN A 29 3.43 -3.56 10.40
N GLY A 30 4.67 -3.19 10.72
CA GLY A 30 5.82 -4.00 10.32
C GLY A 30 5.52 -5.48 10.49
N PHE A 31 6.14 -6.28 9.63
CA PHE A 31 5.96 -7.72 9.67
C PHE A 31 5.88 -8.21 11.11
N TYR A 32 4.82 -8.98 11.37
CA TYR A 32 4.61 -9.52 12.70
C TYR A 32 4.95 -8.50 13.78
ZN ZN B . 1.91 -1.17 -1.13
N MET A 1 -9.72 -4.66 -4.97
CA MET A 1 -10.27 -4.55 -6.30
C MET A 1 -9.29 -3.81 -7.22
N ALA A 2 -9.70 -3.67 -8.48
CA ALA A 2 -8.89 -2.98 -9.47
C ALA A 2 -9.80 -2.25 -10.45
N THR A 3 -10.64 -3.02 -11.12
CA THR A 3 -11.56 -2.46 -12.09
C THR A 3 -10.80 -1.65 -13.15
N THR A 4 -10.66 -0.36 -12.86
CA THR A 4 -9.96 0.53 -13.78
C THR A 4 -8.85 1.29 -13.04
N MET A 5 -9.26 2.06 -12.06
CA MET A 5 -8.32 2.84 -11.27
C MET A 5 -8.16 2.25 -9.86
N GLU A 6 -7.42 2.97 -9.04
CA GLU A 6 -7.18 2.52 -7.68
C GLU A 6 -7.83 3.49 -6.69
N GLN A 7 -7.09 4.53 -6.34
CA GLN A 7 -7.58 5.52 -5.40
C GLN A 7 -7.20 5.14 -3.97
N GLU A 8 -6.63 3.95 -3.84
CA GLU A 8 -6.22 3.46 -2.54
C GLU A 8 -6.33 1.93 -2.49
N ILE A 9 -5.60 1.28 -3.37
CA ILE A 9 -5.61 -0.17 -3.45
C ILE A 9 -4.21 -0.67 -3.78
N CYS A 10 -3.45 -0.97 -2.73
CA CYS A 10 -2.10 -1.45 -2.91
C CYS A 10 -2.04 -2.91 -2.45
N ALA A 11 -0.85 -3.49 -2.52
CA ALA A 11 -0.66 -4.87 -2.13
C ALA A 11 -0.41 -4.94 -0.62
N HIS A 12 -0.88 -3.92 0.07
CA HIS A 12 -0.72 -3.85 1.51
C HIS A 12 -1.99 -3.30 2.15
N SER A 13 -2.49 -2.21 1.58
CA SER A 13 -3.70 -1.57 2.08
C SER A 13 -3.63 -0.06 1.86
N MET A 14 -3.18 0.31 0.67
CA MET A 14 -3.06 1.71 0.33
C MET A 14 -3.10 1.91 -1.19
N THR A 15 -2.49 3.00 -1.63
CA THR A 15 -2.44 3.32 -3.05
C THR A 15 -1.04 3.07 -3.60
N PHE A 16 -0.98 2.89 -4.91
CA PHE A 16 0.29 2.64 -5.58
C PHE A 16 1.38 3.57 -5.04
N GLU A 17 1.08 4.87 -5.10
CA GLU A 17 2.03 5.87 -4.62
C GLU A 17 2.30 5.67 -3.13
N GLU A 18 1.33 5.08 -2.45
CA GLU A 18 1.45 4.84 -1.03
C GLU A 18 2.04 3.44 -0.78
N CYS A 19 2.38 2.78 -1.87
CA CYS A 19 2.95 1.44 -1.79
C CYS A 19 4.26 1.54 -0.98
N PRO A 20 4.95 2.68 -1.15
CA PRO A 20 6.21 2.91 -0.45
C PRO A 20 5.96 3.24 1.02
N LYS A 21 4.68 3.35 1.36
CA LYS A 21 4.29 3.67 2.73
C LYS A 21 3.96 2.37 3.46
N CYS A 22 3.45 1.41 2.72
CA CYS A 22 3.09 0.12 3.29
C CYS A 22 4.30 -0.41 4.06
N SER A 23 5.48 -0.04 3.58
CA SER A 23 6.71 -0.49 4.22
C SER A 23 7.11 0.51 5.31
N ALA A 24 7.03 1.78 4.97
CA ALA A 24 7.37 2.83 5.91
C ALA A 24 6.70 2.56 7.25
N LEU A 25 5.40 2.26 7.17
CA LEU A 25 4.62 1.98 8.37
C LEU A 25 5.09 2.90 9.50
N GLN A 26 5.49 4.10 9.12
CA GLN A 26 5.96 5.08 10.09
C GLN A 26 6.63 4.38 11.26
N TYR A 27 7.41 3.34 10.93
CA TYR A 27 8.11 2.58 11.94
C TYR A 27 9.59 2.39 11.56
N ARG A 28 10.08 3.34 10.79
CA ARG A 28 11.47 3.29 10.35
C ARG A 28 11.82 1.89 9.86
N ASN A 29 10.79 1.17 9.42
CA ASN A 29 10.97 -0.19 8.94
C ASN A 29 11.21 -0.15 7.42
N GLY A 30 11.49 1.05 6.93
CA GLY A 30 11.74 1.23 5.51
C GLY A 30 13.10 0.65 5.12
N PHE A 31 13.06 -0.16 4.07
CA PHE A 31 14.28 -0.79 3.57
C PHE A 31 13.95 -1.89 2.57
N TYR A 32 14.99 -2.32 1.85
CA TYR A 32 14.82 -3.37 0.86
C TYR A 32 13.60 -3.11 -0.03
ZN ZN B . 1.85 -0.84 -1.19
N MET A 1 -18.40 -8.09 -10.58
CA MET A 1 -17.05 -8.63 -10.71
C MET A 1 -16.05 -7.52 -11.07
N ALA A 2 -14.79 -7.91 -11.11
CA ALA A 2 -13.73 -6.97 -11.43
C ALA A 2 -14.00 -5.64 -10.72
N THR A 3 -13.90 -5.68 -9.41
CA THR A 3 -14.13 -4.49 -8.60
C THR A 3 -13.35 -3.30 -9.17
N THR A 4 -13.89 -2.12 -8.94
CA THR A 4 -13.26 -0.90 -9.42
C THR A 4 -13.58 0.27 -8.49
N MET A 5 -12.95 0.24 -7.33
CA MET A 5 -13.17 1.29 -6.33
C MET A 5 -12.48 2.59 -6.77
N GLU A 6 -11.20 2.46 -7.11
CA GLU A 6 -10.43 3.61 -7.54
C GLU A 6 -10.05 4.47 -6.34
N GLN A 7 -8.92 4.13 -5.74
CA GLN A 7 -8.43 4.86 -4.58
C GLN A 7 -7.15 4.21 -4.04
N GLU A 8 -7.13 4.03 -2.73
CA GLU A 8 -5.98 3.42 -2.08
C GLU A 8 -6.11 1.90 -2.08
N ILE A 9 -5.57 1.30 -3.13
CA ILE A 9 -5.61 -0.15 -3.27
C ILE A 9 -4.23 -0.67 -3.65
N CYS A 10 -3.46 -0.99 -2.63
CA CYS A 10 -2.11 -1.50 -2.85
C CYS A 10 -2.07 -2.97 -2.41
N ALA A 11 -0.89 -3.55 -2.52
CA ALA A 11 -0.71 -4.96 -2.14
C ALA A 11 -0.51 -5.04 -0.63
N HIS A 12 -0.84 -3.95 0.04
CA HIS A 12 -0.70 -3.89 1.49
C HIS A 12 -1.98 -3.34 2.10
N SER A 13 -2.45 -2.25 1.53
CA SER A 13 -3.67 -1.60 2.01
C SER A 13 -3.58 -0.09 1.81
N MET A 14 -3.06 0.29 0.65
CA MET A 14 -2.91 1.70 0.33
C MET A 14 -2.97 1.92 -1.19
N THR A 15 -2.39 3.04 -1.61
CA THR A 15 -2.37 3.38 -3.03
C THR A 15 -0.99 3.15 -3.61
N PHE A 16 -0.95 3.01 -4.93
CA PHE A 16 0.31 2.78 -5.63
C PHE A 16 1.41 3.67 -5.05
N GLU A 17 1.17 4.97 -5.11
CA GLU A 17 2.13 5.94 -4.60
C GLU A 17 2.36 5.72 -3.10
N GLU A 18 1.37 5.13 -2.46
CA GLU A 18 1.45 4.86 -1.03
C GLU A 18 2.02 3.45 -0.79
N CYS A 19 2.35 2.79 -1.89
CA CYS A 19 2.90 1.44 -1.81
C CYS A 19 4.18 1.50 -0.99
N PRO A 20 4.93 2.63 -1.16
CA PRO A 20 6.18 2.82 -0.45
C PRO A 20 5.93 3.16 1.02
N LYS A 21 4.65 3.29 1.36
CA LYS A 21 4.26 3.62 2.72
C LYS A 21 3.94 2.32 3.47
N CYS A 22 3.45 1.34 2.73
CA CYS A 22 3.09 0.06 3.31
C CYS A 22 4.30 -0.46 4.09
N SER A 23 5.48 -0.10 3.60
CA SER A 23 6.72 -0.52 4.24
C SER A 23 7.11 0.48 5.32
N ALA A 24 7.01 1.75 4.98
CA ALA A 24 7.36 2.81 5.91
C ALA A 24 6.14 3.14 6.78
N LEU A 25 5.75 2.16 7.59
CA LEU A 25 4.61 2.34 8.47
C LEU A 25 5.07 2.97 9.79
N GLN A 26 6.38 3.13 9.89
CA GLN A 26 6.96 3.72 11.09
C GLN A 26 6.71 2.82 12.31
N TYR A 27 6.40 1.56 12.02
CA TYR A 27 6.14 0.60 13.07
C TYR A 27 7.11 -0.57 12.99
N ARG A 28 7.00 -1.46 13.98
CA ARG A 28 7.86 -2.62 14.03
C ARG A 28 7.76 -3.43 12.74
N ASN A 29 6.68 -3.17 12.01
CA ASN A 29 6.45 -3.87 10.76
C ASN A 29 7.76 -3.98 9.99
N GLY A 30 8.56 -2.94 10.09
CA GLY A 30 9.85 -2.91 9.41
C GLY A 30 11.00 -2.80 10.42
N PHE A 31 11.90 -3.77 10.34
CA PHE A 31 13.05 -3.80 11.24
C PHE A 31 12.61 -3.94 12.69
N TYR A 32 13.30 -4.79 13.42
CA TYR A 32 13.00 -5.03 14.82
C TYR A 32 14.26 -5.40 15.61
ZN ZN B . 1.87 -0.86 -1.17
N MET A 1 -16.00 -2.01 -15.97
CA MET A 1 -16.34 -0.65 -16.32
C MET A 1 -17.45 -0.11 -15.41
N ALA A 2 -17.70 -0.85 -14.34
CA ALA A 2 -18.72 -0.46 -13.39
C ALA A 2 -18.07 0.34 -12.25
N THR A 3 -16.75 0.40 -12.29
CA THR A 3 -16.00 1.12 -11.27
C THR A 3 -14.52 1.22 -11.67
N THR A 4 -13.89 0.06 -11.78
CA THR A 4 -12.49 0.01 -12.15
C THR A 4 -11.67 0.97 -11.29
N MET A 5 -10.49 1.31 -11.79
CA MET A 5 -9.61 2.22 -11.07
C MET A 5 -9.22 1.65 -9.71
N GLU A 6 -8.36 2.38 -9.02
CA GLU A 6 -7.91 1.96 -7.71
C GLU A 6 -8.59 2.78 -6.62
N GLN A 7 -7.92 3.84 -6.19
CA GLN A 7 -8.45 4.71 -5.16
C GLN A 7 -7.96 4.27 -3.79
N GLU A 8 -6.70 3.85 -3.74
CA GLU A 8 -6.12 3.40 -2.49
C GLU A 8 -6.27 1.89 -2.35
N ILE A 9 -5.61 1.17 -3.24
CA ILE A 9 -5.68 -0.29 -3.23
C ILE A 9 -4.31 -0.85 -3.63
N CYS A 10 -3.51 -1.13 -2.61
CA CYS A 10 -2.17 -1.68 -2.84
C CYS A 10 -2.16 -3.12 -2.35
N ALA A 11 -1.01 -3.75 -2.48
CA ALA A 11 -0.84 -5.13 -2.06
C ALA A 11 -0.60 -5.16 -0.54
N HIS A 12 -0.86 -4.03 0.09
CA HIS A 12 -0.68 -3.91 1.52
C HIS A 12 -1.93 -3.29 2.15
N SER A 13 -2.37 -2.20 1.54
CA SER A 13 -3.55 -1.49 2.02
C SER A 13 -3.40 0.00 1.78
N MET A 14 -2.95 0.34 0.58
CA MET A 14 -2.76 1.73 0.21
C MET A 14 -2.83 1.91 -1.31
N THR A 15 -2.30 3.04 -1.76
CA THR A 15 -2.28 3.35 -3.18
C THR A 15 -0.87 3.17 -3.74
N PHE A 16 -0.82 3.02 -5.07
CA PHE A 16 0.46 2.86 -5.74
C PHE A 16 1.53 3.78 -5.16
N GLU A 17 1.20 5.06 -5.15
CA GLU A 17 2.12 6.07 -4.63
C GLU A 17 2.32 5.87 -3.13
N GLU A 18 1.28 5.32 -2.50
CA GLU A 18 1.32 5.06 -1.07
C GLU A 18 1.81 3.65 -0.79
N CYS A 19 2.24 2.98 -1.85
CA CYS A 19 2.73 1.61 -1.73
C CYS A 19 4.04 1.64 -0.95
N PRO A 20 4.78 2.75 -1.10
CA PRO A 20 6.05 2.91 -0.41
C PRO A 20 5.84 3.23 1.07
N LYS A 21 4.57 3.30 1.44
CA LYS A 21 4.21 3.59 2.82
C LYS A 21 3.88 2.29 3.55
N CYS A 22 3.42 1.33 2.77
CA CYS A 22 3.06 0.03 3.32
C CYS A 22 4.21 -0.47 4.19
N SER A 23 5.43 -0.23 3.70
CA SER A 23 6.62 -0.65 4.42
C SER A 23 7.07 0.47 5.36
N ALA A 24 7.05 1.69 4.85
CA ALA A 24 7.46 2.84 5.63
C ALA A 24 6.92 2.70 7.06
N LEU A 25 5.72 2.13 7.15
CA LEU A 25 5.10 1.93 8.45
C LEU A 25 4.02 0.84 8.32
N GLN A 26 4.44 -0.39 8.56
CA GLN A 26 3.52 -1.52 8.48
C GLN A 26 2.20 -1.18 9.16
N TYR A 27 2.25 -0.18 10.02
CA TYR A 27 1.06 0.25 10.74
C TYR A 27 0.14 1.06 9.83
N ARG A 28 0.45 1.02 8.54
CA ARG A 28 -0.34 1.74 7.57
C ARG A 28 -0.63 3.16 8.05
N ASN A 29 0.24 3.64 8.94
CA ASN A 29 0.10 4.98 9.49
C ASN A 29 0.67 6.00 8.50
N GLY A 30 1.11 5.49 7.36
CA GLY A 30 1.69 6.34 6.32
C GLY A 30 0.86 7.62 6.16
N PHE A 31 1.57 8.74 6.11
CA PHE A 31 0.92 10.03 5.96
C PHE A 31 -0.06 10.30 7.11
N TYR A 32 -0.46 11.55 7.21
CA TYR A 32 -1.38 11.96 8.27
C TYR A 32 -2.55 12.75 7.69
ZN ZN B . 1.82 -1.06 -1.18
N MET A 1 -9.76 -9.19 -1.83
CA MET A 1 -8.65 -8.31 -2.17
C MET A 1 -7.61 -9.05 -3.02
N ALA A 2 -6.75 -8.27 -3.66
CA ALA A 2 -5.71 -8.83 -4.50
C ALA A 2 -6.34 -9.40 -5.77
N THR A 3 -6.63 -8.50 -6.70
CA THR A 3 -7.23 -8.88 -7.96
C THR A 3 -6.16 -9.08 -9.03
N THR A 4 -6.51 -8.71 -10.26
CA THR A 4 -5.58 -8.83 -11.37
C THR A 4 -5.46 -7.50 -12.11
N MET A 5 -5.61 -6.42 -11.35
CA MET A 5 -5.51 -5.09 -11.92
C MET A 5 -4.19 -4.41 -11.51
N GLU A 6 -3.91 -4.49 -10.22
CA GLU A 6 -2.69 -3.90 -9.69
C GLU A 6 -2.46 -2.52 -10.32
N GLN A 7 -3.07 -1.51 -9.72
CA GLN A 7 -2.93 -0.15 -10.22
C GLN A 7 -2.96 0.85 -9.07
N GLU A 8 -4.06 0.80 -8.31
CA GLU A 8 -4.24 1.69 -7.18
C GLU A 8 -4.76 0.91 -5.97
N ILE A 9 -4.29 -0.32 -5.85
CA ILE A 9 -4.71 -1.17 -4.76
C ILE A 9 -3.54 -2.08 -4.34
N CYS A 10 -3.08 -1.89 -3.12
CA CYS A 10 -1.98 -2.67 -2.60
C CYS A 10 -2.52 -3.62 -1.53
N ALA A 11 -1.65 -4.50 -1.05
CA ALA A 11 -2.02 -5.45 -0.02
C ALA A 11 -1.77 -4.85 1.36
N HIS A 12 -1.68 -3.53 1.38
CA HIS A 12 -1.44 -2.82 2.62
C HIS A 12 -2.31 -1.55 2.67
N SER A 13 -2.35 -0.85 1.55
CA SER A 13 -3.13 0.36 1.45
C SER A 13 -3.92 0.38 0.13
N MET A 14 -3.34 1.03 -0.86
CA MET A 14 -3.97 1.13 -2.16
C MET A 14 -2.92 1.15 -3.28
N THR A 15 -2.35 2.33 -3.48
CA THR A 15 -1.34 2.50 -4.51
C THR A 15 0.04 2.68 -3.87
N PHE A 16 1.05 2.80 -4.73
CA PHE A 16 2.41 2.98 -4.27
C PHE A 16 2.58 4.34 -3.58
N GLU A 17 1.75 5.28 -3.99
CA GLU A 17 1.80 6.62 -3.42
C GLU A 17 1.12 6.64 -2.06
N GLU A 18 0.16 5.74 -1.90
CA GLU A 18 -0.57 5.65 -0.64
C GLU A 18 -0.17 4.38 0.11
N CYS A 19 0.68 3.59 -0.53
CA CYS A 19 1.15 2.35 0.07
C CYS A 19 2.67 2.38 0.10
N PRO A 20 3.22 3.62 0.19
CA PRO A 20 4.66 3.80 0.24
C PRO A 20 5.23 3.40 1.60
N LYS A 21 4.38 3.54 2.62
CA LYS A 21 4.78 3.20 3.97
C LYS A 21 4.88 1.68 4.11
N CYS A 22 3.95 0.99 3.47
CA CYS A 22 3.94 -0.46 3.51
C CYS A 22 5.32 -0.97 3.09
N SER A 23 5.99 -0.16 2.27
CA SER A 23 7.31 -0.52 1.78
C SER A 23 8.37 0.00 2.75
N ALA A 24 8.08 1.15 3.34
CA ALA A 24 9.01 1.76 4.28
C ALA A 24 8.65 1.32 5.70
N LEU A 25 8.64 0.00 5.90
CA LEU A 25 8.31 -0.56 7.19
C LEU A 25 9.60 -0.76 8.00
N GLN A 26 10.70 -0.36 7.39
CA GLN A 26 12.00 -0.49 8.04
C GLN A 26 12.27 -1.96 8.39
N TYR A 27 11.53 -2.84 7.73
CA TYR A 27 11.67 -4.26 7.96
C TYR A 27 12.34 -4.95 6.77
N ARG A 28 12.39 -6.27 6.84
CA ARG A 28 12.99 -7.05 5.77
C ARG A 28 12.20 -6.88 4.47
N ASN A 29 11.00 -6.36 4.62
CA ASN A 29 10.14 -6.13 3.46
C ASN A 29 10.92 -5.37 2.39
N GLY A 30 11.10 -4.08 2.64
CA GLY A 30 11.82 -3.24 1.71
C GLY A 30 11.30 -3.42 0.28
N PHE A 31 11.99 -2.78 -0.65
CA PHE A 31 11.61 -2.87 -2.05
C PHE A 31 12.79 -3.32 -2.92
N TYR A 32 12.87 -4.62 -3.13
CA TYR A 32 13.95 -5.18 -3.93
C TYR A 32 13.60 -6.59 -4.40
ZN ZN B . 1.79 -2.09 -0.48
N MET A 1 -11.18 -14.98 -9.95
CA MET A 1 -10.02 -15.07 -9.10
C MET A 1 -9.20 -13.77 -9.15
N ALA A 2 -8.91 -13.25 -7.97
CA ALA A 2 -8.14 -12.02 -7.87
C ALA A 2 -7.31 -12.05 -6.58
N THR A 3 -6.13 -11.45 -6.66
CA THR A 3 -5.24 -11.40 -5.51
C THR A 3 -4.32 -10.18 -5.61
N THR A 4 -4.65 -9.17 -4.84
CA THR A 4 -3.86 -7.94 -4.82
C THR A 4 -3.69 -7.41 -6.25
N MET A 5 -4.63 -6.57 -6.64
CA MET A 5 -4.60 -5.98 -7.97
C MET A 5 -3.51 -4.92 -8.08
N GLU A 6 -3.28 -4.45 -9.29
CA GLU A 6 -2.27 -3.45 -9.55
C GLU A 6 -2.91 -2.19 -10.13
N GLN A 7 -4.09 -1.87 -9.63
CA GLN A 7 -4.82 -0.70 -10.08
C GLN A 7 -5.15 0.22 -8.91
N GLU A 8 -4.11 0.77 -8.31
CA GLU A 8 -4.28 1.67 -7.18
C GLU A 8 -4.80 0.89 -5.97
N ILE A 9 -4.32 -0.33 -5.83
CA ILE A 9 -4.73 -1.19 -4.73
C ILE A 9 -3.55 -2.09 -4.33
N CYS A 10 -3.10 -1.89 -3.10
CA CYS A 10 -1.98 -2.67 -2.58
C CYS A 10 -2.52 -3.62 -1.51
N ALA A 11 -1.64 -4.49 -1.03
CA ALA A 11 -2.01 -5.44 -0.01
C ALA A 11 -1.75 -4.83 1.37
N HIS A 12 -1.66 -3.51 1.39
CA HIS A 12 -1.41 -2.79 2.63
C HIS A 12 -2.28 -1.54 2.69
N SER A 13 -2.33 -0.84 1.55
CA SER A 13 -3.12 0.37 1.45
C SER A 13 -3.91 0.38 0.15
N MET A 14 -3.33 1.03 -0.85
CA MET A 14 -3.97 1.12 -2.15
C MET A 14 -2.93 1.14 -3.27
N THR A 15 -2.37 2.32 -3.49
CA THR A 15 -1.36 2.49 -4.52
C THR A 15 0.02 2.68 -3.90
N PHE A 16 1.01 2.80 -4.76
CA PHE A 16 2.39 2.98 -4.31
C PHE A 16 2.56 4.35 -3.62
N GLU A 17 1.72 5.28 -4.03
CA GLU A 17 1.78 6.62 -3.48
C GLU A 17 1.11 6.66 -2.09
N GLU A 18 0.15 5.75 -1.92
CA GLU A 18 -0.57 5.66 -0.67
C GLU A 18 -0.17 4.39 0.09
N CYS A 19 0.69 3.61 -0.56
CA CYS A 19 1.15 2.37 0.04
C CYS A 19 2.68 2.40 0.07
N PRO A 20 3.23 3.64 0.15
CA PRO A 20 4.67 3.82 0.19
C PRO A 20 5.24 3.43 1.55
N LYS A 21 4.40 3.56 2.57
CA LYS A 21 4.80 3.22 3.92
C LYS A 21 4.92 1.71 4.06
N CYS A 22 3.98 1.01 3.43
CA CYS A 22 3.97 -0.44 3.47
C CYS A 22 5.34 -0.94 3.05
N SER A 23 6.03 -0.12 2.26
CA SER A 23 7.35 -0.47 1.77
C SER A 23 8.41 -0.08 2.80
N ALA A 24 8.13 1.01 3.49
CA ALA A 24 9.05 1.50 4.51
C ALA A 24 8.39 1.37 5.89
N LEU A 25 7.94 0.15 6.18
CA LEU A 25 7.30 -0.12 7.45
C LEU A 25 8.37 -0.33 8.53
N GLN A 26 9.62 -0.28 8.08
CA GLN A 26 10.73 -0.45 8.99
C GLN A 26 10.73 -1.87 9.57
N TYR A 27 9.91 -2.72 8.97
CA TYR A 27 9.80 -4.09 9.42
C TYR A 27 10.06 -5.07 8.26
N ARG A 28 10.33 -6.31 8.62
CA ARG A 28 10.59 -7.34 7.63
C ARG A 28 9.48 -7.36 6.57
N ASN A 29 8.34 -6.83 6.96
CA ASN A 29 7.20 -6.77 6.05
C ASN A 29 7.68 -6.38 4.65
N GLY A 30 8.32 -5.23 4.58
CA GLY A 30 8.84 -4.75 3.31
C GLY A 30 9.95 -5.65 2.78
N PHE A 31 9.55 -6.82 2.29
CA PHE A 31 10.50 -7.78 1.76
C PHE A 31 10.29 -7.98 0.26
N TYR A 32 9.64 -7.00 -0.35
CA TYR A 32 9.38 -7.05 -1.78
C TYR A 32 8.73 -5.75 -2.26
ZN ZN B . 1.79 -2.07 -0.50
N MET A 1 1.63 -12.23 -3.25
CA MET A 1 1.83 -13.44 -4.01
C MET A 1 1.19 -13.32 -5.41
N ALA A 2 1.74 -14.09 -6.33
CA ALA A 2 1.23 -14.08 -7.70
C ALA A 2 1.43 -12.69 -8.30
N THR A 3 1.32 -12.63 -9.61
CA THR A 3 1.48 -11.38 -10.32
C THR A 3 0.54 -10.32 -9.76
N THR A 4 0.64 -9.12 -10.32
CA THR A 4 -0.20 -8.01 -9.88
C THR A 4 -0.64 -7.18 -11.09
N MET A 5 -1.66 -6.37 -10.86
CA MET A 5 -2.19 -5.51 -11.91
C MET A 5 -1.91 -4.04 -11.60
N GLU A 6 -1.56 -3.78 -10.35
CA GLU A 6 -1.27 -2.42 -9.91
C GLU A 6 -2.34 -1.46 -10.42
N GLN A 7 -3.49 -1.51 -9.77
CA GLN A 7 -4.59 -0.65 -10.15
C GLN A 7 -5.00 0.24 -8.96
N GLU A 8 -4.00 0.82 -8.33
CA GLU A 8 -4.23 1.69 -7.19
C GLU A 8 -4.77 0.88 -6.01
N ILE A 9 -4.27 -0.33 -5.88
CA ILE A 9 -4.68 -1.22 -4.80
C ILE A 9 -3.51 -2.09 -4.38
N CYS A 10 -3.08 -1.90 -3.15
CA CYS A 10 -1.98 -2.66 -2.61
C CYS A 10 -2.51 -3.61 -1.54
N ALA A 11 -1.64 -4.49 -1.08
CA ALA A 11 -2.01 -5.46 -0.06
C ALA A 11 -1.79 -4.85 1.34
N HIS A 12 -1.67 -3.53 1.35
CA HIS A 12 -1.45 -2.82 2.59
C HIS A 12 -2.38 -1.60 2.66
N SER A 13 -2.49 -0.92 1.53
CA SER A 13 -3.33 0.26 1.44
C SER A 13 -4.06 0.29 0.10
N MET A 14 -3.46 0.98 -0.86
CA MET A 14 -4.05 1.09 -2.18
C MET A 14 -2.95 1.14 -3.25
N THR A 15 -2.48 2.35 -3.52
CA THR A 15 -1.44 2.55 -4.51
C THR A 15 -0.11 2.88 -3.84
N PHE A 16 0.97 2.61 -4.55
CA PHE A 16 2.30 2.89 -4.04
C PHE A 16 2.38 4.28 -3.42
N GLU A 17 1.71 5.22 -4.08
CA GLU A 17 1.69 6.60 -3.62
C GLU A 17 1.15 6.67 -2.19
N GLU A 18 0.19 5.80 -1.91
CA GLU A 18 -0.41 5.76 -0.60
C GLU A 18 -0.01 4.47 0.13
N CYS A 19 0.80 3.68 -0.55
CA CYS A 19 1.27 2.42 0.02
C CYS A 19 2.79 2.44 0.04
N PRO A 20 3.35 3.68 0.12
CA PRO A 20 4.80 3.84 0.16
C PRO A 20 5.36 3.47 1.53
N LYS A 21 4.50 3.58 2.54
CA LYS A 21 4.89 3.25 3.89
C LYS A 21 4.94 1.73 4.06
N CYS A 22 3.98 1.07 3.42
CA CYS A 22 3.90 -0.38 3.49
C CYS A 22 5.28 -0.95 3.11
N SER A 23 6.02 -0.17 2.35
CA SER A 23 7.34 -0.58 1.91
C SER A 23 8.39 -0.16 2.95
N ALA A 24 8.23 1.06 3.44
CA ALA A 24 9.15 1.59 4.42
C ALA A 24 8.51 1.48 5.81
N LEU A 25 8.26 0.25 6.21
CA LEU A 25 7.67 -0.01 7.51
C LEU A 25 8.77 -0.14 8.56
N GLN A 26 10.00 0.00 8.10
CA GLN A 26 11.15 -0.09 8.97
C GLN A 26 11.05 -1.34 9.86
N TYR A 27 10.34 -2.33 9.34
CA TYR A 27 10.15 -3.57 10.07
C TYR A 27 10.87 -4.73 9.36
N ARG A 28 11.96 -4.39 8.70
CA ARG A 28 12.74 -5.40 7.99
C ARG A 28 11.87 -6.09 6.94
N ASN A 29 10.77 -5.44 6.60
CA ASN A 29 9.86 -5.98 5.61
C ASN A 29 10.20 -5.41 4.24
N GLY A 30 11.35 -4.76 4.18
CA GLY A 30 11.81 -4.16 2.93
C GLY A 30 12.46 -2.80 3.18
N PHE A 31 13.68 -2.84 3.71
CA PHE A 31 14.41 -1.62 3.99
C PHE A 31 15.84 -1.71 3.48
N TYR A 32 16.06 -1.12 2.31
CA TYR A 32 17.38 -1.13 1.71
C TYR A 32 17.59 0.11 0.83
ZN ZN B . 1.79 -2.04 -0.50
N MET A 1 -3.61 -11.81 -4.42
CA MET A 1 -2.54 -10.83 -4.39
C MET A 1 -2.45 -10.08 -5.72
N ALA A 2 -2.92 -8.84 -5.70
CA ALA A 2 -2.89 -8.02 -6.89
C ALA A 2 -1.85 -6.92 -6.72
N THR A 3 -0.70 -7.32 -6.20
CA THR A 3 0.40 -6.38 -5.99
C THR A 3 1.56 -6.69 -6.93
N THR A 4 1.25 -7.42 -7.99
CA THR A 4 2.25 -7.79 -8.97
C THR A 4 1.82 -7.33 -10.37
N MET A 5 1.08 -6.24 -10.40
CA MET A 5 0.60 -5.70 -11.65
C MET A 5 0.92 -4.21 -11.77
N GLU A 6 -0.03 -3.39 -11.33
CA GLU A 6 0.13 -1.96 -11.38
C GLU A 6 -1.22 -1.25 -11.36
N GLN A 7 -1.78 -1.15 -10.16
CA GLN A 7 -3.07 -0.51 -9.99
C GLN A 7 -3.04 0.41 -8.76
N GLU A 8 -4.23 0.79 -8.33
CA GLU A 8 -4.37 1.65 -7.17
C GLU A 8 -4.87 0.87 -5.96
N ILE A 9 -4.37 -0.35 -5.85
CA ILE A 9 -4.75 -1.22 -4.75
C ILE A 9 -3.55 -2.09 -4.35
N CYS A 10 -3.10 -1.89 -3.12
CA CYS A 10 -1.97 -2.65 -2.60
C CYS A 10 -2.48 -3.61 -1.54
N ALA A 11 -1.58 -4.47 -1.07
CA ALA A 11 -1.93 -5.45 -0.06
C ALA A 11 -1.68 -4.84 1.33
N HIS A 12 -1.65 -3.51 1.36
CA HIS A 12 -1.42 -2.81 2.61
C HIS A 12 -2.31 -1.56 2.66
N SER A 13 -2.37 -0.87 1.53
CA SER A 13 -3.18 0.34 1.44
C SER A 13 -3.97 0.33 0.13
N MET A 14 -3.40 1.01 -0.86
CA MET A 14 -4.03 1.10 -2.17
C MET A 14 -2.99 1.13 -3.29
N THR A 15 -2.42 2.32 -3.48
CA THR A 15 -1.42 2.50 -4.51
C THR A 15 -0.03 2.69 -3.88
N PHE A 16 0.97 2.73 -4.73
CA PHE A 16 2.33 2.90 -4.27
C PHE A 16 2.54 4.28 -3.65
N GLU A 17 1.72 5.22 -4.09
CA GLU A 17 1.80 6.58 -3.60
C GLU A 17 1.16 6.67 -2.20
N GLU A 18 0.17 5.82 -1.98
CA GLU A 18 -0.51 5.79 -0.70
C GLU A 18 -0.16 4.51 0.07
N CYS A 19 0.67 3.69 -0.55
CA CYS A 19 1.10 2.45 0.06
C CYS A 19 2.63 2.43 0.09
N PRO A 20 3.22 3.65 0.15
CA PRO A 20 4.66 3.79 0.18
C PRO A 20 5.21 3.42 1.56
N LYS A 21 4.37 3.61 2.57
CA LYS A 21 4.76 3.30 3.93
C LYS A 21 4.85 1.79 4.10
N CYS A 22 3.92 1.09 3.46
CA CYS A 22 3.89 -0.36 3.54
C CYS A 22 5.27 -0.89 3.16
N SER A 23 5.99 -0.09 2.39
CA SER A 23 7.33 -0.46 1.95
C SER A 23 8.36 -0.05 3.01
N ALA A 24 8.15 1.13 3.57
CA ALA A 24 9.04 1.65 4.59
C ALA A 24 9.25 0.59 5.68
N LEU A 25 8.15 0.21 6.31
CA LEU A 25 8.20 -0.79 7.36
C LEU A 25 8.52 -2.15 6.75
N GLN A 26 8.10 -2.31 5.50
CA GLN A 26 8.34 -3.55 4.79
C GLN A 26 7.59 -4.70 5.46
N TYR A 27 6.70 -4.33 6.37
CA TYR A 27 5.91 -5.32 7.10
C TYR A 27 4.43 -5.13 6.84
N ARG A 28 3.66 -6.15 7.19
CA ARG A 28 2.22 -6.11 6.99
C ARG A 28 1.59 -5.03 7.87
N ASN A 29 2.40 -4.51 8.78
CA ASN A 29 1.95 -3.48 9.69
C ASN A 29 1.12 -2.46 8.91
N GLY A 30 1.82 -1.55 8.24
CA GLY A 30 1.16 -0.52 7.45
C GLY A 30 0.38 0.43 8.35
N PHE A 31 0.16 1.63 7.83
CA PHE A 31 -0.57 2.65 8.58
C PHE A 31 -1.40 3.52 7.64
N TYR A 32 -2.70 3.53 7.88
CA TYR A 32 -3.61 4.31 7.07
C TYR A 32 -3.64 5.77 7.53
ZN ZN B . 1.76 -1.97 -0.48
N MET A 1 -8.99 -11.61 -8.56
CA MET A 1 -7.86 -10.71 -8.74
C MET A 1 -7.60 -9.88 -7.49
N ALA A 2 -7.55 -10.57 -6.36
CA ALA A 2 -7.30 -9.92 -5.09
C ALA A 2 -8.25 -8.72 -4.95
N THR A 3 -7.72 -7.55 -5.29
CA THR A 3 -8.51 -6.33 -5.20
C THR A 3 -8.88 -5.84 -6.59
N THR A 4 -9.77 -4.85 -6.64
CA THR A 4 -10.21 -4.29 -7.89
C THR A 4 -10.15 -2.76 -7.84
N MET A 5 -10.62 -2.14 -8.92
CA MET A 5 -10.61 -0.69 -9.02
C MET A 5 -9.18 -0.14 -9.02
N GLU A 6 -9.08 1.14 -9.33
CA GLU A 6 -7.78 1.80 -9.38
C GLU A 6 -7.70 2.87 -8.31
N GLN A 7 -7.52 2.43 -7.07
CA GLN A 7 -7.41 3.34 -5.95
C GLN A 7 -6.35 2.86 -4.97
N GLU A 8 -6.36 3.47 -3.79
CA GLU A 8 -5.42 3.11 -2.75
C GLU A 8 -5.65 1.68 -2.28
N ILE A 9 -5.29 0.74 -3.13
CA ILE A 9 -5.46 -0.67 -2.82
C ILE A 9 -4.30 -1.46 -3.41
N CYS A 10 -3.25 -1.63 -2.61
CA CYS A 10 -2.08 -2.37 -3.04
C CYS A 10 -1.99 -3.65 -2.21
N ALA A 11 -0.87 -4.33 -2.36
CA ALA A 11 -0.64 -5.57 -1.64
C ALA A 11 -0.35 -5.25 -0.17
N HIS A 12 -1.04 -4.23 0.33
CA HIS A 12 -0.87 -3.82 1.71
C HIS A 12 -2.10 -3.03 2.16
N SER A 13 -2.36 -1.94 1.45
CA SER A 13 -3.50 -1.10 1.78
C SER A 13 -3.17 0.36 1.49
N MET A 14 -3.05 0.67 0.20
CA MET A 14 -2.74 2.03 -0.21
C MET A 14 -2.60 2.11 -1.73
N THR A 15 -2.26 3.31 -2.20
CA THR A 15 -2.10 3.53 -3.63
C THR A 15 -0.62 3.50 -4.00
N PHE A 16 -0.37 3.23 -5.28
CA PHE A 16 1.00 3.17 -5.78
C PHE A 16 1.87 4.25 -5.13
N GLU A 17 1.23 5.37 -4.81
CA GLU A 17 1.94 6.47 -4.18
C GLU A 17 2.15 6.19 -2.69
N GLU A 18 1.10 5.69 -2.05
CA GLU A 18 1.16 5.38 -0.64
C GLU A 18 1.41 3.89 -0.43
N CYS A 19 1.74 3.22 -1.53
CA CYS A 19 2.01 1.79 -1.50
C CYS A 19 3.40 1.58 -0.88
N PRO A 20 4.32 2.54 -1.19
CA PRO A 20 5.67 2.46 -0.67
C PRO A 20 5.72 2.85 0.80
N LYS A 21 4.56 3.20 1.33
CA LYS A 21 4.45 3.59 2.73
C LYS A 21 4.00 2.38 3.56
N CYS A 22 3.39 1.43 2.87
CA CYS A 22 2.91 0.22 3.54
C CYS A 22 4.06 -0.36 4.35
N SER A 23 5.24 -0.37 3.74
CA SER A 23 6.42 -0.91 4.39
C SER A 23 7.12 0.21 5.18
N ALA A 24 7.24 1.36 4.54
CA ALA A 24 7.89 2.49 5.16
C ALA A 24 7.14 2.85 6.46
N LEU A 25 5.93 2.32 6.57
CA LEU A 25 5.12 2.58 7.75
C LEU A 25 5.96 2.37 9.01
N GLN A 26 6.99 1.55 8.85
CA GLN A 26 7.88 1.25 9.96
C GLN A 26 7.08 0.81 11.19
N TYR A 27 6.48 -0.36 11.08
CA TYR A 27 5.69 -0.91 12.16
C TYR A 27 5.96 -2.41 12.36
N ARG A 28 6.01 -3.11 11.24
CA ARG A 28 6.26 -4.54 11.27
C ARG A 28 5.57 -5.17 12.49
N ASN A 29 4.44 -4.58 12.87
CA ASN A 29 3.69 -5.08 14.00
C ASN A 29 2.68 -6.12 13.52
N GLY A 30 2.49 -6.14 12.21
CA GLY A 30 1.56 -7.09 11.61
C GLY A 30 0.11 -6.69 11.89
N PHE A 31 -0.62 -7.60 12.51
CA PHE A 31 -2.01 -7.35 12.84
C PHE A 31 -2.86 -7.17 11.58
N TYR A 32 -3.54 -8.24 11.22
CA TYR A 32 -4.39 -8.23 10.03
C TYR A 32 -5.14 -6.90 9.91
ZN ZN B . 1.31 -0.98 -0.76
N MET A 1 -9.50 -12.13 -4.91
CA MET A 1 -9.20 -10.85 -5.54
C MET A 1 -10.26 -10.51 -6.60
N ALA A 2 -11.26 -9.76 -6.16
CA ALA A 2 -12.34 -9.36 -7.05
C ALA A 2 -12.14 -7.88 -7.43
N THR A 3 -12.76 -7.01 -6.65
CA THR A 3 -12.67 -5.59 -6.89
C THR A 3 -11.26 -5.08 -6.59
N THR A 4 -10.55 -4.70 -7.64
CA THR A 4 -9.20 -4.20 -7.49
C THR A 4 -9.22 -2.72 -7.10
N MET A 5 -10.01 -1.95 -7.84
CA MET A 5 -10.12 -0.53 -7.59
C MET A 5 -8.93 0.23 -8.14
N GLU A 6 -7.76 -0.07 -7.59
CA GLU A 6 -6.54 0.58 -8.01
C GLU A 6 -6.61 2.09 -7.76
N GLN A 7 -7.25 2.44 -6.65
CA GLN A 7 -7.39 3.83 -6.28
C GLN A 7 -6.51 4.16 -5.08
N GLU A 8 -6.53 3.25 -4.11
CA GLU A 8 -5.74 3.43 -2.89
C GLU A 8 -5.66 2.12 -2.11
N ILE A 9 -5.48 1.03 -2.86
CA ILE A 9 -5.40 -0.28 -2.25
C ILE A 9 -4.41 -1.14 -3.05
N CYS A 10 -3.25 -1.36 -2.45
CA CYS A 10 -2.21 -2.16 -3.09
C CYS A 10 -2.06 -3.47 -2.30
N ALA A 11 -1.03 -4.22 -2.65
CA ALA A 11 -0.77 -5.48 -2.00
C ALA A 11 -0.78 -5.29 -0.48
N HIS A 12 -0.63 -4.03 -0.08
CA HIS A 12 -0.63 -3.70 1.33
C HIS A 12 -2.03 -3.28 1.77
N SER A 13 -2.48 -2.17 1.18
CA SER A 13 -3.81 -1.65 1.50
C SER A 13 -3.83 -0.13 1.32
N MET A 14 -3.05 0.33 0.35
CA MET A 14 -2.97 1.75 0.07
C MET A 14 -2.90 2.01 -1.44
N THR A 15 -2.42 3.20 -1.78
CA THR A 15 -2.30 3.58 -3.18
C THR A 15 -0.87 3.35 -3.66
N PHE A 16 -0.73 3.20 -4.97
CA PHE A 16 0.57 2.99 -5.57
C PHE A 16 1.61 3.95 -5.00
N GLU A 17 1.15 5.16 -4.71
CA GLU A 17 2.03 6.18 -4.16
C GLU A 17 2.34 5.88 -2.69
N GLU A 18 1.40 5.22 -2.04
CA GLU A 18 1.56 4.86 -0.64
C GLU A 18 2.15 3.45 -0.52
N CYS A 19 2.33 2.81 -1.67
CA CYS A 19 2.89 1.48 -1.70
C CYS A 19 4.21 1.48 -0.94
N PRO A 20 5.01 2.56 -1.19
CA PRO A 20 6.31 2.69 -0.54
C PRO A 20 6.14 3.11 0.92
N LYS A 21 4.91 3.47 1.27
CA LYS A 21 4.61 3.90 2.62
C LYS A 21 3.98 2.74 3.39
N CYS A 22 3.39 1.82 2.63
CA CYS A 22 2.75 0.66 3.22
C CYS A 22 3.73 0.03 4.22
N SER A 23 4.95 -0.15 3.75
CA SER A 23 5.98 -0.75 4.58
C SER A 23 6.72 0.34 5.36
N ALA A 24 7.02 1.42 4.66
CA ALA A 24 7.73 2.54 5.27
C ALA A 24 6.71 3.45 5.96
N LEU A 25 5.88 2.84 6.78
CA LEU A 25 4.86 3.58 7.51
C LEU A 25 5.31 3.76 8.96
N GLN A 26 6.31 2.98 9.34
CA GLN A 26 6.84 3.05 10.69
C GLN A 26 5.82 2.50 11.68
N TYR A 27 4.82 1.82 11.15
CA TYR A 27 3.78 1.24 11.97
C TYR A 27 3.86 -0.29 11.97
N ARG A 28 5.04 -0.78 11.62
CA ARG A 28 5.27 -2.22 11.57
C ARG A 28 4.08 -2.92 10.89
N ASN A 29 3.44 -2.19 9.99
CA ASN A 29 2.31 -2.73 9.27
C ASN A 29 2.80 -3.58 8.10
N GLY A 30 3.58 -2.94 7.23
CA GLY A 30 4.12 -3.62 6.07
C GLY A 30 5.54 -4.13 6.34
N PHE A 31 5.95 -3.98 7.60
CA PHE A 31 7.28 -4.41 8.00
C PHE A 31 7.23 -5.79 8.68
N TYR A 32 7.14 -6.82 7.85
CA TYR A 32 7.07 -8.18 8.35
C TYR A 32 8.44 -8.86 8.27
ZN ZN B . 1.26 -0.49 -1.15
N MET A 1 -13.65 -3.39 -16.44
CA MET A 1 -14.26 -2.57 -15.41
C MET A 1 -13.58 -2.78 -14.06
N ALA A 2 -13.27 -1.67 -13.41
CA ALA A 2 -12.62 -1.71 -12.11
C ALA A 2 -11.13 -1.99 -12.30
N THR A 3 -10.83 -3.22 -12.68
CA THR A 3 -9.44 -3.61 -12.90
C THR A 3 -8.60 -3.34 -11.66
N THR A 4 -8.03 -2.13 -11.63
CA THR A 4 -7.20 -1.73 -10.51
C THR A 4 -7.23 -0.21 -10.35
N MET A 5 -6.98 0.47 -11.46
CA MET A 5 -6.98 1.93 -11.46
C MET A 5 -6.05 2.47 -10.37
N GLU A 6 -5.90 3.78 -10.37
CA GLU A 6 -5.05 4.44 -9.40
C GLU A 6 -5.89 5.20 -8.36
N GLN A 7 -6.17 4.51 -7.26
CA GLN A 7 -6.95 5.11 -6.19
C GLN A 7 -6.35 4.76 -4.83
N GLU A 8 -6.10 3.48 -4.64
CA GLU A 8 -5.53 3.00 -3.39
C GLU A 8 -5.83 1.52 -3.21
N ILE A 9 -5.08 0.70 -3.93
CA ILE A 9 -5.25 -0.75 -3.85
C ILE A 9 -3.89 -1.43 -3.99
N CYS A 10 -3.23 -1.57 -2.84
CA CYS A 10 -1.91 -2.20 -2.82
C CYS A 10 -2.03 -3.51 -2.04
N ALA A 11 -0.89 -4.19 -1.91
CA ALA A 11 -0.85 -5.44 -1.19
C ALA A 11 -0.73 -5.18 0.31
N HIS A 12 -1.26 -4.03 0.72
CA HIS A 12 -1.23 -3.65 2.12
C HIS A 12 -2.45 -2.80 2.46
N SER A 13 -2.73 -1.84 1.58
CA SER A 13 -3.87 -0.97 1.78
C SER A 13 -3.53 0.45 1.33
N MET A 14 -3.59 0.65 0.02
CA MET A 14 -3.27 1.96 -0.56
C MET A 14 -2.78 1.81 -2.00
N THR A 15 -2.30 2.93 -2.53
CA THR A 15 -1.79 2.95 -3.89
C THR A 15 -0.27 2.93 -3.90
N PHE A 16 0.29 2.23 -4.87
CA PHE A 16 1.73 2.13 -5.00
C PHE A 16 2.40 3.48 -4.74
N GLU A 17 1.67 4.53 -5.04
CA GLU A 17 2.18 5.88 -4.85
C GLU A 17 1.94 6.33 -3.40
N GLU A 18 0.75 6.00 -2.90
CA GLU A 18 0.39 6.37 -1.54
C GLU A 18 0.46 5.15 -0.63
N CYS A 19 1.18 4.14 -1.10
CA CYS A 19 1.34 2.91 -0.34
C CYS A 19 2.83 2.69 -0.09
N PRO A 20 3.60 3.82 -0.12
CA PRO A 20 5.03 3.77 0.10
C PRO A 20 5.35 3.56 1.58
N LYS A 21 4.30 3.58 2.39
CA LYS A 21 4.45 3.39 3.82
C LYS A 21 4.40 1.90 4.14
N CYS A 22 3.55 1.19 3.41
CA CYS A 22 3.39 -0.24 3.62
C CYS A 22 4.78 -0.88 3.60
N SER A 23 5.66 -0.28 2.81
CA SER A 23 7.03 -0.78 2.70
C SER A 23 7.90 -0.17 3.80
N ALA A 24 7.64 1.09 4.09
CA ALA A 24 8.39 1.80 5.11
C ALA A 24 8.43 0.94 6.39
N LEU A 25 7.33 0.96 7.11
CA LEU A 25 7.23 0.19 8.35
C LEU A 25 7.28 -1.31 8.01
N GLN A 26 7.13 -1.59 6.73
CA GLN A 26 7.14 -2.97 6.28
C GLN A 26 6.23 -3.83 7.14
N TYR A 27 5.21 -3.19 7.69
CA TYR A 27 4.26 -3.88 8.54
C TYR A 27 2.82 -3.56 8.13
N ARG A 28 1.89 -4.18 8.83
CA ARG A 28 0.47 -3.98 8.54
C ARG A 28 0.04 -2.59 9.01
N ASN A 29 0.95 -1.92 9.70
CA ASN A 29 0.68 -0.59 10.20
C ASN A 29 -0.03 0.24 9.12
N GLY A 30 0.26 -0.11 7.88
CA GLY A 30 -0.33 0.57 6.74
C GLY A 30 -1.83 0.79 6.96
N PHE A 31 -2.16 1.99 7.43
CA PHE A 31 -3.54 2.34 7.68
C PHE A 31 -4.00 3.49 6.79
N TYR A 32 -5.21 3.96 7.03
CA TYR A 32 -5.76 5.06 6.27
C TYR A 32 -5.62 4.80 4.76
ZN ZN B . 1.88 -1.48 -0.80
#